data_1Y6B
#
_entry.id   1Y6B
#
_cell.length_a   37.544
_cell.length_b   94.333
_cell.length_c   96.767
_cell.angle_alpha   90.00
_cell.angle_beta   90.00
_cell.angle_gamma   90.00
#
_symmetry.space_group_name_H-M   'P 21 21 21'
#
loop_
_entity.id
_entity.type
_entity.pdbx_description
1 polymer 'Vascular endothelial growth factor receptor 2'
2 non-polymer N-(CYCLOPROPYLMETHYL)-4-(METHYLOXY)-3-({5-[3-(3-PYRIDINYL)PHENYL]-1,3-OXAZOL-2-YL}AMINO)BENZENESULFONAMIDE
3 water water
#
_entity_poly.entity_id   1
_entity_poly.type   'polypeptide(L)'
_entity_poly.pdbx_seq_one_letter_code
;MDPDELPLDEHCERLPYDASKWEFPRDRLKLGKPLGRGAFGQVIEADAFGIDKTATCRTVAVKMLKEGATHSEHRALMSE
LKILIHIGHHLNVVNLLGACTKPGGPLMVIVEFCKFGNLSTYLRSKRNEFVPYKTKGARFRQGKDYVGAIPVDLKRRLDS
ITSSQSSASSGFVEEKSLSDVEEEEAPEDLYKDFLTLEHLICYSFQVAKGMEFLASRKCIHRDLAARNILLSEKNVVKIC
DFGLARDIYKDPDYVRKGDARLPLKWMAPETIFDRVYTIQSDVWSFGVLLWEIFSLGASPYPGVKIDEEFCRRLKEGTRM
RAPDYTTPEMYQTMLDCWHGEPSQRPTFSELVEHLGNLLQANAQQD
;
_entity_poly.pdbx_strand_id   A
#
loop_
_chem_comp.id
_chem_comp.type
_chem_comp.name
_chem_comp.formula
AAX non-polymer N-(CYCLOPROPYLMETHYL)-4-(METHYLOXY)-3-({5-[3-(3-PYRIDINYL)PHENYL]-1,3-OXAZOL-2-YL}AMINO)BENZENESULFONAMIDE 'C25 H24 N4 O4 S'
#
# COMPACT_ATOMS: atom_id res chain seq x y z
N ARG A 14 5.88 -20.37 14.41
CA ARG A 14 7.00 -20.26 15.40
C ARG A 14 7.17 -18.86 16.01
N LEU A 15 6.42 -17.86 15.51
CA LEU A 15 6.59 -16.51 16.03
C LEU A 15 5.76 -16.36 17.29
N PRO A 16 6.23 -15.48 18.21
CA PRO A 16 5.58 -15.31 19.51
C PRO A 16 4.41 -14.35 19.43
N TYR A 17 3.50 -14.44 20.40
CA TYR A 17 2.51 -13.40 20.58
C TYR A 17 2.51 -12.89 22.03
N ASP A 18 3.00 -11.66 22.18
CA ASP A 18 3.13 -11.01 23.49
C ASP A 18 1.81 -10.34 23.83
N ALA A 19 0.95 -11.06 24.51
CA ALA A 19 -0.40 -10.56 24.80
C ALA A 19 -0.37 -9.27 25.65
N SER A 20 0.59 -9.17 26.54
CA SER A 20 0.76 -7.98 27.34
C SER A 20 0.88 -6.76 26.44
N LYS A 21 1.67 -6.88 25.38
CA LYS A 21 1.84 -5.77 24.48
C LYS A 21 0.64 -5.49 23.57
N TRP A 22 -0.01 -6.53 23.04
CA TRP A 22 -0.94 -6.33 21.92
C TRP A 22 -2.40 -6.60 22.25
N GLU A 23 -2.67 -7.36 23.30
CA GLU A 23 -4.06 -7.81 23.54
C GLU A 23 -4.96 -6.65 23.96
N PHE A 24 -6.13 -6.57 23.36
CA PHE A 24 -7.08 -5.46 23.60
C PHE A 24 -8.40 -6.10 24.03
N PRO A 25 -9.07 -5.56 25.06
CA PRO A 25 -10.36 -6.12 25.48
C PRO A 25 -11.46 -5.99 24.43
N ARG A 26 -12.15 -7.09 24.17
CA ARG A 26 -13.31 -7.11 23.25
C ARG A 26 -14.41 -6.16 23.70
N ASP A 27 -14.57 -5.99 25.01
CA ASP A 27 -15.58 -5.09 25.50
C ASP A 27 -15.27 -3.61 25.36
N ARG A 28 -14.10 -3.26 24.84
CA ARG A 28 -13.78 -1.86 24.51
C ARG A 28 -13.70 -1.64 22.98
N LEU A 29 -14.27 -2.57 22.25
CA LEU A 29 -14.45 -2.44 20.85
C LEU A 29 -15.93 -2.42 20.47
N LYS A 30 -16.35 -1.35 19.82
CA LYS A 30 -17.73 -1.20 19.39
C LYS A 30 -17.75 -1.34 17.87
N LEU A 31 -18.38 -2.43 17.44
CA LEU A 31 -18.58 -2.81 16.05
C LEU A 31 -19.26 -1.67 15.30
N GLY A 32 -18.75 -1.33 14.12
CA GLY A 32 -19.41 -0.35 13.24
C GLY A 32 -19.66 -0.82 11.83
N LYS A 33 -19.59 0.07 10.84
CA LYS A 33 -19.90 -0.26 9.42
C LYS A 33 -18.89 -1.25 8.79
N PRO A 34 -19.37 -2.30 8.08
CA PRO A 34 -18.44 -3.08 7.27
C PRO A 34 -17.63 -2.29 6.25
N LEU A 35 -16.36 -2.69 6.08
CA LEU A 35 -15.49 -2.18 4.99
C LEU A 35 -15.49 -3.17 3.82
N GLY A 36 -15.42 -4.45 4.13
CA GLY A 36 -15.71 -5.47 3.17
C GLY A 36 -15.15 -6.81 3.54
N ARG A 37 -14.65 -7.50 2.50
CA ARG A 37 -13.90 -8.74 2.61
C ARG A 37 -12.41 -8.48 2.31
N GLY A 38 -11.58 -8.48 3.36
CA GLY A 38 -10.13 -8.44 3.21
C GLY A 38 -9.50 -9.81 3.44
N GLY A 41 -11.83 -13.28 5.71
CA GLY A 41 -11.80 -12.31 6.82
C GLY A 41 -12.69 -11.11 6.57
N GLN A 42 -13.70 -10.91 7.43
CA GLN A 42 -14.54 -9.70 7.42
C GLN A 42 -13.80 -8.49 8.04
N VAL A 43 -13.73 -7.39 7.30
CA VAL A 43 -13.13 -6.15 7.71
C VAL A 43 -14.24 -5.13 8.01
N ILE A 44 -14.22 -4.60 9.24
CA ILE A 44 -15.20 -3.64 9.70
C ILE A 44 -14.52 -2.43 10.35
N GLU A 45 -15.21 -1.29 10.31
CA GLU A 45 -14.91 -0.20 11.19
C GLU A 45 -15.43 -0.53 12.58
N ALA A 46 -14.68 -0.07 13.59
CA ALA A 46 -15.06 -0.18 14.99
C ALA A 46 -14.54 1.04 15.74
N ASP A 47 -15.14 1.32 16.91
CA ASP A 47 -14.68 2.39 17.80
C ASP A 47 -14.01 1.73 18.98
N ALA A 48 -12.73 2.05 19.20
CA ALA A 48 -11.93 1.41 20.24
C ALA A 48 -11.60 2.40 21.33
N PHE A 49 -11.95 2.08 22.58
CA PHE A 49 -11.66 3.03 23.63
C PHE A 49 -10.31 2.64 24.24
N GLY A 50 -9.40 3.60 24.29
CA GLY A 50 -8.15 3.37 24.99
C GLY A 50 -7.11 2.57 24.27
N ILE A 51 -7.23 2.45 22.95
CA ILE A 51 -6.33 1.52 22.25
C ILE A 51 -4.90 2.04 22.22
N ASP A 52 -4.73 3.35 22.32
CA ASP A 52 -3.39 3.87 22.46
C ASP A 52 -3.10 4.29 23.90
N LYS A 53 -3.80 3.70 24.85
CA LYS A 53 -3.59 3.92 26.31
C LYS A 53 -4.12 5.27 26.85
N THR A 54 -4.48 6.19 25.95
CA THR A 54 -5.13 7.43 26.35
C THR A 54 -6.62 7.19 26.49
N ALA A 55 -7.32 8.08 27.22
CA ALA A 55 -8.75 8.02 27.43
C ALA A 55 -9.56 8.52 26.20
N THR A 56 -9.22 8.04 25.02
CA THR A 56 -9.90 8.47 23.81
C THR A 56 -10.61 7.29 23.13
N CYS A 57 -11.73 7.62 22.47
CA CYS A 57 -12.38 6.72 21.52
C CYS A 57 -11.82 6.97 20.12
N ARG A 58 -11.33 5.92 19.49
CA ARG A 58 -10.74 6.02 18.15
C ARG A 58 -11.36 5.01 17.18
N THR A 59 -11.70 5.46 15.99
CA THR A 59 -12.09 4.57 14.92
C THR A 59 -10.88 3.82 14.41
N VAL A 60 -11.07 2.51 14.32
CA VAL A 60 -10.05 1.57 13.90
C VAL A 60 -10.66 0.66 12.82
N ALA A 61 -9.81 -0.13 12.17
CA ALA A 61 -10.23 -1.16 11.23
C ALA A 61 -9.94 -2.56 11.81
N VAL A 62 -10.95 -3.43 11.80
CA VAL A 62 -10.85 -4.74 12.43
C VAL A 62 -11.05 -5.81 11.36
N LYS A 63 -10.14 -6.79 11.34
CA LYS A 63 -10.33 -8.02 10.56
C LYS A 63 -10.71 -9.14 11.52
N MET A 64 -11.86 -9.75 11.27
CA MET A 64 -12.38 -10.74 12.19
C MET A 64 -12.77 -12.07 11.52
N LEU A 65 -12.66 -13.15 12.29
CA LEU A 65 -12.89 -14.46 11.69
C LEU A 65 -14.33 -14.99 11.78
N LYS A 66 -14.83 -15.45 10.63
CA LYS A 66 -16.18 -16.00 10.48
C LYS A 66 -16.32 -17.37 11.15
N ALA A 69 -15.47 -21.86 11.57
CA ALA A 69 -14.23 -21.15 11.16
C ALA A 69 -13.06 -22.14 10.98
N THR A 70 -12.57 -22.30 9.75
CA THR A 70 -11.60 -23.37 9.48
C THR A 70 -10.26 -23.04 10.16
N HIS A 71 -9.54 -24.10 10.54
CA HIS A 71 -8.22 -23.98 11.12
C HIS A 71 -7.29 -23.21 10.17
N SER A 72 -7.47 -23.46 8.88
CA SER A 72 -6.69 -22.82 7.85
C SER A 72 -6.86 -21.31 7.94
N GLU A 73 -8.12 -20.87 8.07
CA GLU A 73 -8.45 -19.44 8.17
C GLU A 73 -7.95 -18.82 9.49
N HIS A 74 -8.13 -19.52 10.59
CA HIS A 74 -7.55 -19.09 11.87
C HIS A 74 -6.04 -18.92 11.77
N ARG A 75 -5.38 -19.89 11.14
CA ARG A 75 -3.92 -19.88 10.97
C ARG A 75 -3.49 -18.69 10.11
N ALA A 76 -4.21 -18.45 9.03
CA ALA A 76 -3.87 -17.36 8.13
C ALA A 76 -3.98 -16.00 8.85
N LEU A 77 -5.01 -15.83 9.67
CA LEU A 77 -5.21 -14.57 10.36
C LEU A 77 -4.20 -14.40 11.50
N MET A 78 -3.96 -15.45 12.24
CA MET A 78 -2.95 -15.44 13.29
C MET A 78 -1.54 -15.20 12.70
N SER A 79 -1.26 -15.80 11.56
CA SER A 79 -0.01 -15.52 10.85
C SER A 79 0.11 -14.06 10.42
N GLU A 80 -0.95 -13.51 9.84
CA GLU A 80 -1.00 -12.08 9.56
C GLU A 80 -0.65 -11.20 10.77
N LEU A 81 -1.31 -11.47 11.88
CA LEU A 81 -1.03 -10.80 13.15
C LEU A 81 0.46 -10.84 13.52
N LYS A 82 1.05 -12.04 13.47
CA LYS A 82 2.47 -12.18 13.84
C LYS A 82 3.42 -11.49 12.86
N ILE A 83 3.09 -11.48 11.59
CA ILE A 83 3.89 -10.77 10.61
C ILE A 83 3.82 -9.25 10.84
N LEU A 84 2.64 -8.72 11.17
CA LEU A 84 2.50 -7.29 11.43
C LEU A 84 3.34 -6.90 12.64
N ILE A 85 3.37 -7.79 13.63
CA ILE A 85 4.18 -7.54 14.81
C ILE A 85 5.65 -7.53 14.41
N HIS A 86 6.06 -8.54 13.65
CA HIS A 86 7.46 -8.72 13.26
C HIS A 86 7.96 -7.53 12.48
N ILE A 87 7.13 -7.03 11.58
CA ILE A 87 7.45 -5.89 10.75
C ILE A 87 7.65 -4.60 11.55
N GLY A 88 6.73 -4.33 12.47
CA GLY A 88 6.80 -3.14 13.31
C GLY A 88 6.27 -1.88 12.66
N HIS A 89 6.55 -0.75 13.27
CA HIS A 89 5.83 0.48 12.99
C HIS A 89 6.52 1.36 11.94
N HIS A 90 5.73 1.91 11.02
CA HIS A 90 6.18 3.03 10.21
C HIS A 90 4.95 3.86 9.87
N LEU A 91 5.12 5.16 9.78
CA LEU A 91 4.03 6.07 9.38
C LEU A 91 3.33 5.70 8.07
N ASN A 92 4.08 5.12 7.12
CA ASN A 92 3.52 4.95 5.76
C ASN A 92 3.18 3.53 5.45
N VAL A 93 2.90 2.75 6.50
CA VAL A 93 2.20 1.50 6.36
C VAL A 93 1.01 1.49 7.29
N VAL A 94 0.09 0.58 7.01
CA VAL A 94 -1.12 0.46 7.82
C VAL A 94 -0.74 -0.31 9.06
N ASN A 95 -0.60 0.36 10.20
CA ASN A 95 -0.05 -0.29 11.39
C ASN A 95 -1.03 -1.14 12.24
N LEU A 96 -0.49 -2.18 12.85
CA LEU A 96 -1.19 -2.94 13.86
C LEU A 96 -1.39 -2.12 15.11
N LEU A 97 -2.60 -2.16 15.66
CA LEU A 97 -2.87 -1.46 16.92
C LEU A 97 -3.14 -2.42 18.05
N GLY A 98 -3.65 -3.59 17.70
CA GLY A 98 -4.01 -4.52 18.76
C GLY A 98 -4.64 -5.76 18.21
N ALA A 99 -4.98 -6.67 19.11
CA ALA A 99 -5.69 -7.89 18.72
C ALA A 99 -6.51 -8.47 19.83
N CYS A 100 -7.52 -9.27 19.45
CA CYS A 100 -8.33 -9.98 20.42
C CYS A 100 -8.18 -11.45 20.05
N THR A 101 -7.41 -12.16 20.86
CA THR A 101 -7.05 -13.56 20.61
C THR A 101 -7.49 -14.53 21.73
N LYS A 102 -7.83 -14.02 22.90
CA LYS A 102 -8.21 -14.90 24.02
C LYS A 102 -9.47 -15.68 23.67
N PRO A 103 -9.60 -16.92 24.21
CA PRO A 103 -10.86 -17.65 24.02
C PRO A 103 -12.08 -16.86 24.49
N GLY A 104 -13.24 -17.17 23.92
CA GLY A 104 -14.50 -16.57 24.34
C GLY A 104 -14.98 -15.41 23.48
N GLY A 105 -14.28 -15.12 22.39
CA GLY A 105 -14.85 -14.26 21.36
C GLY A 105 -14.14 -14.49 20.05
N PRO A 106 -14.58 -13.79 18.99
CA PRO A 106 -13.91 -14.02 17.71
C PRO A 106 -12.44 -13.54 17.72
N LEU A 107 -11.61 -14.19 16.90
CA LEU A 107 -10.26 -13.69 16.63
C LEU A 107 -10.35 -12.41 15.79
N MET A 108 -9.76 -11.33 16.33
CA MET A 108 -9.80 -10.03 15.68
C MET A 108 -8.41 -9.41 15.67
N VAL A 109 -8.11 -8.77 14.55
CA VAL A 109 -6.84 -8.06 14.35
C VAL A 109 -7.18 -6.62 14.05
N ILE A 110 -6.67 -5.70 14.86
CA ILE A 110 -7.05 -4.31 14.81
C ILE A 110 -5.90 -3.46 14.27
N VAL A 111 -6.19 -2.67 13.22
CA VAL A 111 -5.20 -1.85 12.53
C VAL A 111 -5.77 -0.43 12.37
N GLU A 112 -4.89 0.50 12.00
CA GLU A 112 -5.26 1.85 11.73
C GLU A 112 -6.32 1.99 10.65
N PHE A 113 -7.23 2.96 10.87
CA PHE A 113 -8.32 3.24 9.97
C PHE A 113 -7.95 4.47 9.17
N CYS A 114 -8.18 4.40 7.86
CA CYS A 114 -7.77 5.42 6.89
C CYS A 114 -9.05 5.86 6.24
N LYS A 115 -9.53 7.02 6.69
CA LYS A 115 -10.91 7.41 6.46
C LYS A 115 -11.22 7.74 5.03
N PHE A 116 -10.23 8.03 4.19
CA PHE A 116 -10.49 8.42 2.79
C PHE A 116 -10.44 7.28 1.80
N GLY A 117 -10.18 6.06 2.29
CA GLY A 117 -10.14 4.87 1.45
C GLY A 117 -8.88 4.82 0.60
N ASN A 118 -8.97 4.09 -0.51
CA ASN A 118 -7.86 3.79 -1.34
C ASN A 118 -7.52 4.92 -2.30
N LEU A 119 -6.26 5.00 -2.65
CA LEU A 119 -5.73 6.13 -3.39
C LEU A 119 -6.24 6.22 -4.83
N SER A 120 -6.49 5.09 -5.47
CA SER A 120 -6.99 5.05 -6.82
C SER A 120 -8.38 5.68 -6.89
N THR A 121 -9.27 5.22 -6.03
CA THR A 121 -10.63 5.72 -6.00
C THR A 121 -10.63 7.19 -5.61
N TYR A 122 -9.78 7.55 -4.66
CA TYR A 122 -9.67 8.93 -4.21
C TYR A 122 -9.21 9.87 -5.34
N LEU A 123 -8.13 9.53 -6.01
CA LEU A 123 -7.64 10.42 -7.09
C LEU A 123 -8.66 10.55 -8.20
N ARG A 124 -9.32 9.45 -8.55
CA ARG A 124 -10.38 9.57 -9.54
C ARG A 124 -11.43 10.59 -9.11
N SER A 125 -11.77 10.62 -7.83
CA SER A 125 -12.76 11.56 -7.30
C SER A 125 -12.30 13.04 -7.38
N LYS A 126 -11.01 13.28 -7.62
CA LYS A 126 -10.46 14.62 -7.67
C LYS A 126 -10.08 15.07 -9.07
N ARG A 127 -10.46 14.32 -10.11
CA ARG A 127 -10.13 14.66 -11.51
C ARG A 127 -10.44 16.12 -11.90
N ASN A 128 -11.54 16.65 -11.38
CA ASN A 128 -11.91 18.05 -11.65
C ASN A 128 -11.54 18.96 -10.50
N GLU A 129 -10.83 18.39 -9.51
CA GLU A 129 -10.30 19.16 -8.38
C GLU A 129 -8.77 19.04 -8.30
N PHE A 130 -8.11 19.25 -9.44
CA PHE A 130 -6.66 19.24 -9.56
C PHE A 130 -6.16 20.48 -10.31
N VAL A 131 -5.22 21.22 -9.72
CA VAL A 131 -4.42 22.18 -10.47
C VAL A 131 -2.93 21.93 -10.15
N PRO A 132 -2.06 21.93 -11.18
CA PRO A 132 -0.60 21.78 -10.96
C PRO A 132 0.02 22.60 -9.80
N TYR A 133 -0.24 23.92 -9.76
CA TYR A 133 0.24 24.78 -8.64
C TYR A 133 -0.86 25.72 -8.13
N PHE A 194 -8.38 21.31 -3.37
CA PHE A 194 -7.73 20.92 -4.63
C PHE A 194 -6.45 20.13 -4.42
N LEU A 195 -6.25 19.10 -5.24
CA LEU A 195 -4.94 18.46 -5.32
C LEU A 195 -4.04 19.29 -6.23
N THR A 196 -2.75 19.25 -5.93
CA THR A 196 -1.74 19.93 -6.73
C THR A 196 -0.57 18.95 -6.93
N LEU A 197 0.43 19.36 -7.72
CA LEU A 197 1.61 18.53 -7.95
C LEU A 197 2.30 18.19 -6.64
N GLU A 198 2.34 19.16 -5.73
CA GLU A 198 2.87 18.92 -4.39
C GLU A 198 2.23 17.69 -3.76
N HIS A 199 0.91 17.56 -3.86
CA HIS A 199 0.19 16.44 -3.24
C HIS A 199 0.62 15.14 -3.89
N LEU A 200 0.66 15.10 -5.21
CA LEU A 200 1.00 13.84 -5.91
C LEU A 200 2.45 13.38 -5.68
N ILE A 201 3.37 14.32 -5.75
CA ILE A 201 4.76 14.03 -5.47
C ILE A 201 4.87 13.60 -4.00
N CYS A 202 4.16 14.29 -3.11
CA CYS A 202 4.17 13.89 -1.70
C CYS A 202 3.63 12.45 -1.49
N TYR A 203 2.53 12.09 -2.14
CA TYR A 203 2.00 10.72 -1.99
C TYR A 203 3.09 9.73 -2.48
N SER A 204 3.72 10.10 -3.60
CA SER A 204 4.73 9.27 -4.25
C SER A 204 5.91 9.08 -3.31
N PHE A 205 6.34 10.17 -2.69
CA PHE A 205 7.45 10.17 -1.75
C PHE A 205 7.15 9.27 -0.51
N GLN A 206 5.96 9.42 0.05
CA GLN A 206 5.50 8.65 1.20
C GLN A 206 5.45 7.15 0.91
N VAL A 207 4.97 6.77 -0.27
CA VAL A 207 5.00 5.35 -0.66
C VAL A 207 6.40 4.83 -0.74
N ALA A 208 7.28 5.55 -1.40
CA ALA A 208 8.67 5.12 -1.46
C ALA A 208 9.27 4.93 -0.03
N LYS A 209 9.00 5.85 0.87
CA LYS A 209 9.48 5.71 2.26
C LYS A 209 8.91 4.45 2.94
N GLY A 210 7.63 4.17 2.71
CA GLY A 210 6.98 2.93 3.21
C GLY A 210 7.62 1.69 2.64
N MET A 211 7.93 1.73 1.34
CA MET A 211 8.55 0.59 0.69
C MET A 211 10.00 0.41 1.12
N GLU A 212 10.75 1.52 1.25
CA GLU A 212 12.08 1.45 1.83
C GLU A 212 12.07 0.79 3.21
N PHE A 213 11.08 1.13 4.05
CA PHE A 213 10.89 0.48 5.34
C PHE A 213 10.63 -1.03 5.22
N LEU A 214 9.69 -1.40 4.38
CA LEU A 214 9.37 -2.79 4.16
C LEU A 214 10.60 -3.60 3.67
N ALA A 215 11.35 -3.06 2.72
CA ALA A 215 12.60 -3.68 2.25
C ALA A 215 13.62 -3.88 3.37
N SER A 216 13.74 -2.92 4.28
CA SER A 216 14.65 -3.07 5.42
C SER A 216 14.21 -4.18 6.38
N ARG A 217 12.91 -4.49 6.40
CA ARG A 217 12.40 -5.60 7.23
C ARG A 217 12.44 -6.90 6.44
N LYS A 218 13.05 -6.84 5.25
CA LYS A 218 13.23 -7.97 4.35
C LYS A 218 11.89 -8.54 3.84
N CYS A 219 10.97 -7.64 3.48
CA CYS A 219 9.72 -8.02 2.86
C CYS A 219 9.72 -7.67 1.38
N ILE A 220 8.84 -8.36 0.66
CA ILE A 220 8.48 -8.07 -0.71
C ILE A 220 6.95 -7.94 -0.65
N HIS A 221 6.41 -6.92 -1.31
CA HIS A 221 4.99 -6.67 -1.26
C HIS A 221 4.17 -7.52 -2.23
N ARG A 222 4.47 -7.40 -3.53
CA ARG A 222 3.87 -8.25 -4.57
C ARG A 222 2.54 -7.78 -5.19
N ASP A 223 1.87 -6.80 -4.58
CA ASP A 223 0.74 -6.16 -5.22
C ASP A 223 0.76 -4.67 -4.90
N LEU A 224 1.89 -4.03 -5.25
CA LEU A 224 2.05 -2.63 -4.99
C LEU A 224 1.32 -1.86 -6.08
N ALA A 225 0.17 -1.29 -5.72
CA ALA A 225 -0.79 -0.71 -6.65
C ALA A 225 -1.58 0.35 -5.88
N ALA A 226 -2.07 1.35 -6.60
CA ALA A 226 -2.77 2.44 -5.90
C ALA A 226 -3.98 1.99 -5.06
N ARG A 227 -4.67 0.93 -5.48
CA ARG A 227 -5.80 0.38 -4.74
C ARG A 227 -5.35 -0.19 -3.37
N ASN A 228 -4.05 -0.43 -3.19
CA ASN A 228 -3.51 -0.97 -1.92
C ASN A 228 -2.76 0.07 -1.12
N ILE A 229 -2.98 1.35 -1.48
CA ILE A 229 -2.51 2.50 -0.70
C ILE A 229 -3.73 3.15 -0.16
N LEU A 230 -3.76 3.42 1.15
CA LEU A 230 -4.89 4.12 1.72
C LEU A 230 -4.52 5.52 2.18
N LEU A 231 -5.49 6.40 2.14
CA LEU A 231 -5.32 7.79 2.52
C LEU A 231 -6.03 8.05 3.82
N SER A 232 -5.25 8.58 4.73
CA SER A 232 -5.71 8.87 6.09
C SER A 232 -5.68 10.40 6.23
N GLU A 233 -5.78 10.93 7.44
CA GLU A 233 -5.87 12.41 7.59
C GLU A 233 -4.52 13.10 7.34
N LYS A 234 -4.59 14.41 7.06
CA LYS A 234 -3.43 15.26 6.81
C LYS A 234 -2.49 14.71 5.72
N ASN A 235 -3.11 14.25 4.63
CA ASN A 235 -2.45 13.66 3.47
C ASN A 235 -1.42 12.56 3.75
N VAL A 236 -1.61 11.83 4.83
CA VAL A 236 -0.78 10.67 5.11
C VAL A 236 -1.30 9.47 4.32
N VAL A 237 -0.44 8.91 3.47
CA VAL A 237 -0.72 7.67 2.79
C VAL A 237 -0.01 6.46 3.40
N LYS A 238 -0.71 5.33 3.35
CA LYS A 238 -0.25 4.09 4.01
C LYS A 238 -0.44 2.90 3.10
N ILE A 239 0.60 2.08 3.02
CA ILE A 239 0.61 0.88 2.21
C ILE A 239 -0.14 -0.20 2.99
N CYS A 240 -1.12 -0.81 2.34
CA CYS A 240 -1.73 -2.01 2.92
C CYS A 240 -0.73 -3.13 2.86
N ASP A 241 -0.26 -3.57 4.03
CA ASP A 241 0.92 -4.42 4.09
C ASP A 241 0.49 -5.91 4.04
N PHE A 242 -0.70 -6.22 4.53
CA PHE A 242 -1.35 -7.53 4.39
C PHE A 242 -1.14 -8.06 2.94
N PRO A 263 -2.34 -9.64 -10.77
CA PRO A 263 -2.26 -8.22 -11.11
C PRO A 263 -1.20 -7.99 -12.19
N LEU A 264 -1.52 -8.46 -13.39
CA LEU A 264 -0.55 -8.55 -14.50
C LEU A 264 0.03 -7.20 -14.97
N LYS A 265 -0.82 -6.17 -14.98
CA LYS A 265 -0.42 -4.84 -15.41
C LYS A 265 0.62 -4.22 -14.45
N TRP A 266 0.78 -4.79 -13.26
CA TRP A 266 1.76 -4.30 -12.25
C TRP A 266 3.02 -5.16 -12.12
N MET A 267 3.06 -6.27 -12.83
CA MET A 267 4.12 -7.23 -12.63
C MET A 267 5.30 -6.95 -13.53
N ALA A 268 6.48 -7.08 -12.92
CA ALA A 268 7.75 -6.96 -13.62
C ALA A 268 7.84 -8.09 -14.66
N PRO A 269 8.54 -7.87 -15.79
CA PRO A 269 8.68 -8.94 -16.78
C PRO A 269 9.28 -10.25 -16.22
N GLU A 270 10.29 -10.15 -15.39
CA GLU A 270 10.85 -11.33 -14.77
C GLU A 270 9.92 -12.09 -13.82
N THR A 271 8.87 -11.44 -13.33
CA THR A 271 7.87 -12.09 -12.47
C THR A 271 6.85 -12.84 -13.34
N ILE A 272 6.37 -12.17 -14.37
CA ILE A 272 5.58 -12.80 -15.43
C ILE A 272 6.28 -14.05 -15.99
N PHE A 273 7.55 -13.92 -16.39
CA PHE A 273 8.28 -14.98 -17.14
C PHE A 273 9.11 -15.96 -16.28
N ASP A 274 9.63 -15.53 -15.14
CA ASP A 274 10.47 -16.38 -14.27
C ASP A 274 9.81 -16.71 -12.96
N ARG A 275 8.57 -16.23 -12.76
CA ARG A 275 7.83 -16.34 -11.48
C ARG A 275 8.46 -15.55 -10.29
N VAL A 276 9.58 -14.89 -10.54
CA VAL A 276 10.37 -14.19 -9.50
C VAL A 276 9.69 -12.91 -8.95
N TYR A 277 9.47 -12.86 -7.63
CA TYR A 277 9.11 -11.63 -6.91
C TYR A 277 10.31 -11.27 -6.04
N THR A 278 10.84 -10.07 -6.22
CA THR A 278 11.93 -9.54 -5.41
C THR A 278 11.63 -8.09 -5.12
N ILE A 279 12.49 -7.42 -4.34
CA ILE A 279 12.26 -6.01 -4.03
C ILE A 279 12.40 -5.14 -5.30
N GLN A 280 13.23 -5.58 -6.23
CA GLN A 280 13.44 -4.84 -7.47
C GLN A 280 12.24 -4.98 -8.36
N SER A 281 11.49 -6.08 -8.25
CA SER A 281 10.23 -6.24 -8.99
C SER A 281 9.13 -5.37 -8.38
N ASP A 282 9.16 -5.16 -7.07
CA ASP A 282 8.33 -4.13 -6.43
C ASP A 282 8.68 -2.71 -6.93
N VAL A 283 9.93 -2.42 -7.23
CA VAL A 283 10.31 -1.11 -7.83
C VAL A 283 9.61 -0.92 -9.18
N TRP A 284 9.59 -1.96 -10.00
CA TRP A 284 8.78 -1.93 -11.20
C TRP A 284 7.30 -1.60 -10.91
N SER A 285 6.67 -2.37 -10.00
CA SER A 285 5.29 -2.04 -9.63
C SER A 285 5.12 -0.60 -9.17
N PHE A 286 6.08 -0.11 -8.37
CA PHE A 286 6.06 1.29 -7.92
C PHE A 286 6.01 2.27 -9.08
N GLY A 287 6.74 1.99 -10.16
CA GLY A 287 6.63 2.78 -11.39
C GLY A 287 5.22 2.78 -11.97
N VAL A 288 4.54 1.62 -11.95
CA VAL A 288 3.13 1.55 -12.38
C VAL A 288 2.21 2.35 -11.47
N LEU A 289 2.46 2.25 -10.17
CA LEU A 289 1.76 3.04 -9.20
C LEU A 289 1.98 4.55 -9.41
N LEU A 290 3.20 4.98 -9.72
CA LEU A 290 3.44 6.37 -10.03
C LEU A 290 2.56 6.85 -11.21
N TRP A 291 2.51 6.04 -12.26
CA TRP A 291 1.65 6.31 -13.40
C TRP A 291 0.18 6.40 -12.98
N GLU A 292 -0.26 5.49 -12.11
CA GLU A 292 -1.60 5.58 -11.51
C GLU A 292 -1.81 6.91 -10.79
N ILE A 293 -0.81 7.35 -10.01
CA ILE A 293 -0.92 8.63 -9.29
C ILE A 293 -1.06 9.81 -10.26
N PHE A 294 -0.17 9.87 -11.26
CA PHE A 294 -0.13 11.01 -12.17
C PHE A 294 -1.10 10.88 -13.35
N SER A 295 -1.92 9.84 -13.34
CA SER A 295 -3.08 9.73 -14.22
C SER A 295 -4.35 10.06 -13.41
N LEU A 296 -4.15 10.43 -12.14
CA LEU A 296 -5.23 10.62 -11.22
C LEU A 296 -6.17 9.41 -11.21
N GLY A 297 -5.58 8.25 -10.94
CA GLY A 297 -6.36 7.05 -10.63
C GLY A 297 -6.88 6.29 -11.85
N ALA A 298 -6.23 6.47 -13.00
CA ALA A 298 -6.57 5.70 -14.19
C ALA A 298 -6.01 4.29 -14.10
N SER A 299 -6.54 3.46 -15.00
CA SER A 299 -6.13 2.07 -15.12
C SER A 299 -4.91 2.04 -16.07
N PRO A 300 -3.86 1.29 -15.69
CA PRO A 300 -2.66 1.24 -16.53
C PRO A 300 -2.85 0.57 -17.90
N TYR A 301 -1.99 0.92 -18.86
CA TYR A 301 -2.06 0.38 -20.24
C TYR A 301 -3.46 0.56 -20.84
N PRO A 302 -3.95 1.82 -20.92
CA PRO A 302 -5.31 2.10 -21.39
C PRO A 302 -5.60 1.49 -22.74
N GLY A 303 -6.67 0.70 -22.82
CA GLY A 303 -7.13 0.11 -24.09
C GLY A 303 -6.12 -0.82 -24.75
N VAL A 304 -5.30 -1.47 -23.92
CA VAL A 304 -4.36 -2.48 -24.39
C VAL A 304 -4.84 -3.85 -23.93
N LYS A 305 -5.04 -4.77 -24.87
CA LYS A 305 -5.30 -6.18 -24.51
C LYS A 305 -4.05 -6.70 -23.82
N ILE A 306 -4.24 -7.23 -22.60
CA ILE A 306 -3.16 -7.80 -21.81
C ILE A 306 -3.10 -9.29 -22.18
N ASP A 307 -2.24 -9.65 -23.13
CA ASP A 307 -2.11 -11.04 -23.56
C ASP A 307 -0.66 -11.43 -23.81
N GLU A 308 -0.43 -12.56 -24.50
CA GLU A 308 0.94 -12.99 -24.84
C GLU A 308 1.70 -11.92 -25.64
N GLU A 309 1.01 -11.17 -26.49
CA GLU A 309 1.63 -10.06 -27.24
C GLU A 309 2.00 -8.85 -26.33
N PHE A 310 1.16 -8.53 -25.35
CA PHE A 310 1.50 -7.49 -24.37
C PHE A 310 2.79 -7.88 -23.65
N CYS A 311 2.83 -9.10 -23.13
CA CYS A 311 4.04 -9.62 -22.47
C CYS A 311 5.27 -9.61 -23.40
N ARG A 312 5.05 -9.91 -24.67
CA ARG A 312 6.13 -9.87 -25.65
C ARG A 312 6.68 -8.44 -25.76
N ARG A 313 5.79 -7.47 -25.98
CA ARG A 313 6.20 -6.07 -26.15
C ARG A 313 6.89 -5.54 -24.90
N LEU A 314 6.48 -6.06 -23.76
CA LEU A 314 7.04 -5.67 -22.47
C LEU A 314 8.48 -6.18 -22.36
N LYS A 315 8.71 -7.45 -22.72
CA LYS A 315 10.09 -7.97 -22.66
C LYS A 315 10.96 -7.22 -23.65
N GLU A 316 10.34 -6.73 -24.72
CA GLU A 316 11.04 -6.08 -25.81
C GLU A 316 11.34 -4.59 -25.55
N GLY A 317 10.69 -3.98 -24.56
CA GLY A 317 10.98 -2.57 -24.19
C GLY A 317 9.85 -1.55 -24.36
N THR A 318 8.68 -2.02 -24.77
CA THR A 318 7.52 -1.14 -24.86
C THR A 318 7.09 -0.70 -23.45
N ARG A 319 6.78 0.58 -23.30
CA ARG A 319 6.33 1.14 -22.03
C ARG A 319 5.13 2.04 -22.22
N MET A 320 4.44 2.32 -21.12
CA MET A 320 3.35 3.30 -21.10
C MET A 320 3.86 4.67 -21.45
N ARG A 321 3.04 5.37 -22.23
CA ARG A 321 3.20 6.80 -22.44
C ARG A 321 2.99 7.59 -21.14
N ALA A 322 3.45 8.82 -21.11
CA ALA A 322 3.28 9.69 -19.97
C ALA A 322 1.78 9.92 -19.67
N PRO A 323 1.38 9.83 -18.39
CA PRO A 323 -0.01 10.08 -18.05
C PRO A 323 -0.30 11.57 -18.05
N ASP A 324 -1.57 11.96 -17.98
CA ASP A 324 -1.93 13.33 -18.30
C ASP A 324 -1.44 14.38 -17.31
N TYR A 325 -1.17 14.00 -16.07
CA TYR A 325 -0.84 15.01 -15.05
C TYR A 325 0.61 14.94 -14.57
N THR A 326 1.46 14.26 -15.34
CA THR A 326 2.87 14.06 -14.97
C THR A 326 3.73 15.31 -15.19
N THR A 327 4.80 15.42 -14.42
CA THR A 327 5.95 16.22 -14.81
C THR A 327 6.93 15.35 -15.62
N PRO A 328 7.74 15.99 -16.48
CA PRO A 328 8.78 15.25 -17.15
C PRO A 328 9.67 14.43 -16.20
N GLU A 329 10.04 14.98 -15.05
CA GLU A 329 10.87 14.27 -14.09
C GLU A 329 10.18 13.03 -13.54
N MET A 330 8.87 13.13 -13.29
CA MET A 330 8.13 12.01 -12.75
C MET A 330 8.00 10.90 -13.79
N TYR A 331 7.83 11.23 -15.07
CA TYR A 331 7.82 10.18 -16.12
C TYR A 331 9.20 9.53 -16.30
N GLN A 332 10.25 10.33 -16.23
CA GLN A 332 11.61 9.79 -16.23
C GLN A 332 11.76 8.75 -15.13
N THR A 333 11.27 9.08 -13.92
CA THR A 333 11.29 8.17 -12.82
C THR A 333 10.51 6.89 -13.09
N MET A 334 9.37 6.98 -13.76
CA MET A 334 8.63 5.77 -14.14
C MET A 334 9.47 4.91 -15.04
N LEU A 335 10.04 5.52 -16.08
CA LEU A 335 10.91 4.78 -17.00
C LEU A 335 12.07 4.11 -16.30
N ASP A 336 12.65 4.81 -15.29
CA ASP A 336 13.77 4.26 -14.51
C ASP A 336 13.32 3.00 -13.76
N CYS A 337 12.16 3.09 -13.13
CA CYS A 337 11.58 1.97 -12.42
C CYS A 337 11.25 0.80 -13.31
N TRP A 338 10.95 1.08 -14.56
CA TRP A 338 10.64 0.06 -15.53
C TRP A 338 11.85 -0.42 -16.35
N HIS A 339 13.04 -0.28 -15.80
CA HIS A 339 14.24 -0.82 -16.44
C HIS A 339 14.08 -2.35 -16.58
N GLY A 340 14.47 -2.84 -17.77
CA GLY A 340 14.42 -4.25 -18.10
C GLY A 340 15.27 -5.11 -17.20
N GLU A 341 16.41 -4.55 -16.78
CA GLU A 341 17.31 -5.22 -15.84
C GLU A 341 16.96 -4.82 -14.42
N PRO A 342 16.44 -5.76 -13.60
CA PRO A 342 16.01 -5.40 -12.24
C PRO A 342 17.10 -4.68 -11.44
N SER A 343 18.35 -5.07 -11.65
CA SER A 343 19.48 -4.44 -10.95
C SER A 343 19.78 -2.99 -11.41
N GLN A 344 19.24 -2.57 -12.54
CA GLN A 344 19.43 -1.18 -13.01
C GLN A 344 18.31 -0.23 -12.60
N ARG A 345 17.25 -0.79 -12.02
CA ARG A 345 16.16 0.00 -11.48
C ARG A 345 16.70 0.71 -10.25
N PRO A 346 16.16 1.88 -9.92
CA PRO A 346 16.56 2.46 -8.63
C PRO A 346 16.15 1.56 -7.46
N THR A 347 16.83 1.75 -6.32
CA THR A 347 16.37 1.09 -5.08
C THR A 347 15.35 2.01 -4.44
N PHE A 348 14.59 1.48 -3.49
CA PHE A 348 13.67 2.33 -2.75
C PHE A 348 14.36 3.48 -2.00
N SER A 349 15.52 3.21 -1.41
CA SER A 349 16.30 4.27 -0.79
C SER A 349 16.62 5.40 -1.78
N GLU A 350 17.04 5.04 -3.00
CA GLU A 350 17.37 6.05 -4.04
C GLU A 350 16.12 6.85 -4.47
N LEU A 351 14.98 6.17 -4.56
CA LEU A 351 13.71 6.85 -4.84
C LEU A 351 13.27 7.84 -3.73
N VAL A 352 13.43 7.47 -2.47
CA VAL A 352 13.16 8.37 -1.35
C VAL A 352 14.06 9.62 -1.44
N GLU A 353 15.35 9.43 -1.72
CA GLU A 353 16.22 10.59 -1.93
C GLU A 353 15.74 11.42 -3.12
N HIS A 354 15.61 10.78 -4.27
CA HIS A 354 15.22 11.47 -5.47
C HIS A 354 13.87 12.20 -5.35
N LEU A 355 12.85 11.51 -4.87
CA LEU A 355 11.52 12.11 -4.70
C LEU A 355 11.53 13.24 -3.68
N GLY A 356 12.34 13.09 -2.61
CA GLY A 356 12.52 14.15 -1.63
C GLY A 356 13.04 15.42 -2.27
N ASN A 357 14.04 15.28 -3.16
CA ASN A 357 14.56 16.40 -3.95
C ASN A 357 13.50 16.99 -4.88
N LEU A 358 12.73 16.16 -5.57
CA LEU A 358 11.63 16.66 -6.43
C LEU A 358 10.56 17.37 -5.58
N LEU A 359 10.30 16.87 -4.38
CA LEU A 359 9.29 17.50 -3.51
C LEU A 359 9.74 18.90 -3.10
N GLN A 360 11.03 19.02 -2.79
CA GLN A 360 11.63 20.28 -2.33
C GLN A 360 11.82 21.26 -3.49
N ALA A 361 12.18 20.72 -4.64
CA ALA A 361 12.29 21.52 -5.87
C ALA A 361 10.92 22.09 -6.27
N ASN A 362 9.86 21.32 -6.01
CA ASN A 362 8.50 21.74 -6.34
C ASN A 362 8.06 22.94 -5.49
N ALA A 363 8.56 23.00 -4.25
CA ALA A 363 8.16 24.02 -3.28
C ALA A 363 9.07 25.25 -3.36
O29 AAX B . -9.58 -0.31 0.62
S27 AAX B . -10.91 0.10 0.43
O28 AAX B . -11.04 0.89 -0.75
N30 AAX B . -11.77 -1.24 0.44
C31 AAX B . -11.74 -2.05 1.66
C32 AAX B . -12.25 -3.48 1.44
C34 AAX B . -11.99 -4.42 2.61
C33 AAX B . -11.20 -4.57 1.31
C6 AAX B . -11.35 1.10 1.65
C5 AAX B . -12.55 1.80 1.53
C4 AAX B . -12.96 2.70 2.52
C7 AAX B . -10.58 1.34 2.81
C8 AAX B . -10.98 2.23 3.84
C3 AAX B . -12.18 2.91 3.67
O2 AAX B . -12.57 3.76 4.67
C1 AAX B . -13.79 4.53 4.67
N9 AAX B . -10.29 2.41 5.03
C10 AAX B . -9.58 1.44 5.67
O14 AAX B . -9.50 0.19 5.16
C13 AAX B . -8.62 -0.44 5.98
C12 AAX B . -8.25 0.43 7.01
N11 AAX B . -8.84 1.64 6.80
C15 AAX B . -8.36 -1.86 5.73
C20 AAX B . -7.96 -2.70 6.76
C19 AAX B . -7.78 -4.06 6.52
C18 AAX B . -8.04 -4.59 5.24
C17 AAX B . -8.51 -3.75 4.25
C16 AAX B . -8.67 -2.39 4.48
C21 AAX B . -7.30 -4.94 7.63
C26 AAX B . -6.32 -5.92 7.43
N25 AAX B . -5.86 -6.69 8.43
C24 AAX B . -6.35 -6.56 9.67
C23 AAX B . -7.33 -5.60 9.94
C22 AAX B . -7.83 -4.79 8.92
#